data_3M3M
#
_entry.id   3M3M
#
_cell.length_a   101.746
_cell.length_b   101.746
_cell.length_c   48.880
_cell.angle_alpha   90.00
_cell.angle_beta   90.00
_cell.angle_gamma   90.00
#
_symmetry.space_group_name_H-M   'P 41 21 2'
#
loop_
_entity.id
_entity.type
_entity.pdbx_description
1 polymer 'Glutathione S-transferase'
2 non-polymer GLUTATHIONE
3 non-polymer 'SODIUM ION'
4 non-polymer 1,2-ETHANEDIOL
5 water water
#
_entity_poly.entity_id   1
_entity_poly.type   'polypeptide(L)'
_entity_poly.pdbx_seq_one_letter_code
;(MSE)SLYKVYGDYRSGNCYKIKL(MSE)LNLLGLPYEWQAVDILGGDTQTEAFLAKNPNGKIPVLELEDGTCLWESNAI
LNFLADGSQFLPSEPRLRTQVLQWQFFEQYSHEPYIAVARFIQLYEGLPEERREEYLKLHKRGYKALDV(MSE)EKQLSR
TPYLVGEHYSIADIALYAYTHVADEGGFDLSRYPGIQAW(MSE)QRVQSHPRHVP(MSE)LDEGHHHHHH
;
_entity_poly.pdbx_strand_id   A
#
loop_
_chem_comp.id
_chem_comp.type
_chem_comp.name
_chem_comp.formula
EDO non-polymer 1,2-ETHANEDIOL 'C2 H6 O2'
GSH non-polymer GLUTATHIONE 'C10 H17 N3 O6 S'
NA non-polymer 'SODIUM ION' 'Na 1'
#
# COMPACT_ATOMS: atom_id res chain seq x y z
N SER A 2 -3.42 14.65 16.00
CA SER A 2 -2.53 15.63 16.73
C SER A 2 -1.01 15.39 16.68
N LEU A 3 -0.56 14.18 17.04
CA LEU A 3 0.87 13.89 16.91
C LEU A 3 1.21 13.70 15.42
N TYR A 4 0.26 13.17 14.69
CA TYR A 4 0.50 12.91 13.26
C TYR A 4 -0.62 13.52 12.46
N LYS A 5 -0.30 14.07 11.27
CA LYS A 5 -1.31 14.53 10.36
C LYS A 5 -0.98 13.86 9.01
N VAL A 6 -1.98 13.20 8.43
CA VAL A 6 -1.79 12.54 7.11
C VAL A 6 -2.54 13.34 6.12
N TYR A 7 -1.86 13.68 5.01
CA TYR A 7 -2.55 14.18 3.87
C TYR A 7 -2.82 13.01 2.95
N GLY A 8 -4.09 12.76 2.59
CA GLY A 8 -4.37 11.49 1.92
C GLY A 8 -5.77 11.43 1.34
N ASP A 9 -6.05 10.33 0.64
CA ASP A 9 -7.35 9.98 0.11
C ASP A 9 -7.58 8.55 0.59
N TYR A 10 -8.63 8.30 1.37
CA TYR A 10 -8.81 6.91 1.82
C TYR A 10 -8.94 5.89 0.72
N ARG A 11 -9.43 6.29 -0.48
CA ARG A 11 -9.51 5.35 -1.61
C ARG A 11 -8.20 5.01 -2.27
N SER A 12 -7.17 5.76 -1.93
CA SER A 12 -5.85 5.46 -2.50
C SER A 12 -5.18 4.34 -1.69
N GLY A 13 -4.76 3.27 -2.35
CA GLY A 13 -4.11 2.18 -1.70
C GLY A 13 -2.87 2.67 -0.97
N ASN A 14 -2.10 3.58 -1.59
CA ASN A 14 -0.89 4.09 -0.93
C ASN A 14 -1.20 4.80 0.39
N CYS A 15 -2.35 5.49 0.45
CA CYS A 15 -2.77 6.16 1.69
C CYS A 15 -3.39 5.17 2.70
N TYR A 16 -4.13 4.17 2.19
CA TYR A 16 -4.63 3.12 3.07
C TYR A 16 -3.52 2.42 3.88
N LYS A 17 -2.34 2.20 3.26
CA LYS A 17 -1.23 1.68 4.03
C LYS A 17 -0.98 2.45 5.30
N ILE A 18 -1.09 3.79 5.26
CA ILE A 18 -0.78 4.62 6.42
C ILE A 18 -1.96 4.61 7.43
N LYS A 19 -3.18 4.66 6.92
CA LYS A 19 -4.38 4.50 7.83
C LYS A 19 -4.22 3.18 8.59
N LEU A 20 -3.97 2.10 7.84
CA LEU A 20 -3.84 0.78 8.52
C LEU A 20 -2.71 0.75 9.55
N MSE A 21 -1.52 1.25 9.14
CA MSE A 21 -0.39 1.27 10.12
C MSE A 21 -0.65 2.10 11.39
O MSE A 21 -0.38 1.60 12.50
CB MSE A 21 0.82 1.82 9.40
CG MSE A 21 2.12 1.90 10.23
SE MSE A 21 2.99 0.10 10.30
CE MSE A 21 1.99 -0.80 11.75
N LEU A 22 -1.23 3.29 11.23
CA LEU A 22 -1.55 4.10 12.38
C LEU A 22 -2.52 3.38 13.33
N ASN A 23 -3.56 2.78 12.77
CA ASN A 23 -4.53 2.03 13.64
C ASN A 23 -3.93 0.78 14.27
N LEU A 24 -3.10 0.05 13.53
CA LEU A 24 -2.52 -1.19 14.09
C LEU A 24 -1.65 -0.80 15.32
N LEU A 25 -1.01 0.38 15.27
CA LEU A 25 -0.15 0.82 16.35
C LEU A 25 -0.81 1.74 17.39
N GLY A 26 -2.12 1.98 17.25
CA GLY A 26 -2.83 2.77 18.22
C GLY A 26 -2.39 4.22 18.23
N LEU A 27 -1.87 4.74 17.09
CA LEU A 27 -1.31 6.09 17.11
C LEU A 27 -2.35 7.16 16.68
N PRO A 28 -2.39 8.30 17.37
CA PRO A 28 -3.47 9.23 17.11
C PRO A 28 -3.09 10.05 15.89
N TYR A 29 -4.08 10.39 15.09
CA TYR A 29 -3.81 11.24 13.88
C TYR A 29 -4.93 12.12 13.48
N GLU A 30 -4.59 13.16 12.72
CA GLU A 30 -5.58 13.92 12.03
C GLU A 30 -5.44 13.51 10.50
N TRP A 31 -6.55 13.44 9.82
CA TRP A 31 -6.54 13.10 8.37
C TRP A 31 -7.02 14.31 7.60
N GLN A 32 -6.19 14.82 6.70
CA GLN A 32 -6.60 15.91 5.81
C GLN A 32 -6.90 15.33 4.44
N ALA A 33 -8.18 15.29 4.01
CA ALA A 33 -8.55 14.73 2.70
C ALA A 33 -7.92 15.58 1.61
N VAL A 34 -7.34 14.94 0.59
CA VAL A 34 -6.75 15.60 -0.59
C VAL A 34 -7.50 15.04 -1.80
N ASP A 35 -7.96 15.94 -2.68
CA ASP A 35 -8.67 15.59 -3.88
C ASP A 35 -7.71 15.78 -5.06
N ILE A 36 -7.21 14.67 -5.62
CA ILE A 36 -6.17 14.80 -6.65
C ILE A 36 -6.86 15.31 -7.92
N LEU A 37 -8.07 14.80 -8.27
CA LEU A 37 -8.74 15.30 -9.53
C LEU A 37 -9.04 16.80 -9.41
N GLY A 38 -9.35 17.22 -8.20
CA GLY A 38 -9.68 18.63 -7.92
C GLY A 38 -8.48 19.55 -7.90
N GLY A 39 -7.28 18.99 -8.04
CA GLY A 39 -6.11 19.85 -8.16
C GLY A 39 -5.25 20.02 -6.89
N ASP A 40 -5.58 19.29 -5.82
CA ASP A 40 -5.07 19.59 -4.46
C ASP A 40 -3.55 19.26 -4.35
N THR A 41 -3.05 18.39 -5.23
CA THR A 41 -1.63 17.98 -5.14
C THR A 41 -0.73 18.84 -6.02
N GLN A 42 -1.34 19.78 -6.75
CA GLN A 42 -0.56 20.64 -7.68
C GLN A 42 -0.42 22.06 -7.17
N THR A 43 -0.88 22.36 -5.96
CA THR A 43 -0.71 23.70 -5.41
C THR A 43 0.70 23.88 -4.82
N GLU A 44 1.16 25.12 -4.68
CA GLU A 44 2.43 25.35 -3.99
C GLU A 44 2.42 24.95 -2.56
N ALA A 45 1.25 25.10 -1.92
CA ALA A 45 1.10 24.72 -0.55
C ALA A 45 1.42 23.18 -0.45
N PHE A 46 0.84 22.43 -1.35
CA PHE A 46 1.04 20.97 -1.28
C PHE A 46 2.54 20.63 -1.65
N LEU A 47 3.04 21.28 -2.69
CA LEU A 47 4.39 20.96 -3.20
C LEU A 47 5.46 21.27 -2.15
N ALA A 48 5.20 22.24 -1.25
CA ALA A 48 6.13 22.45 -0.13
C ALA A 48 6.20 21.20 0.79
N LYS A 49 5.11 20.40 0.85
CA LYS A 49 5.08 19.26 1.73
C LYS A 49 5.67 18.02 1.01
N ASN A 50 5.27 17.87 -0.25
CA ASN A 50 5.91 16.82 -1.08
C ASN A 50 6.12 17.40 -2.47
N PRO A 51 7.37 17.70 -2.82
CA PRO A 51 7.72 18.28 -4.13
C PRO A 51 7.42 17.32 -5.24
N ASN A 52 7.26 16.03 -4.92
CA ASN A 52 6.93 15.06 -5.95
C ASN A 52 5.41 15.09 -6.24
N GLY A 53 4.62 15.84 -5.44
CA GLY A 53 3.21 16.08 -5.85
C GLY A 53 2.31 14.85 -5.63
N LYS A 54 2.66 14.01 -4.66
CA LYS A 54 1.83 12.80 -4.35
C LYS A 54 1.40 12.68 -2.93
N ILE A 55 0.28 11.98 -2.73
CA ILE A 55 -0.13 11.56 -1.38
C ILE A 55 0.23 10.04 -1.31
N PRO A 56 0.49 9.54 -0.10
CA PRO A 56 0.32 10.22 1.22
C PRO A 56 1.57 11.06 1.59
N VAL A 57 1.31 12.03 2.47
CA VAL A 57 2.34 12.78 3.20
C VAL A 57 2.01 12.64 4.69
N LEU A 58 3.05 12.44 5.51
CA LEU A 58 2.88 12.38 6.99
C LEU A 58 3.58 13.63 7.50
N GLU A 59 2.82 14.46 8.20
CA GLU A 59 3.40 15.67 8.76
C GLU A 59 3.49 15.52 10.28
N LEU A 60 4.68 15.75 10.82
CA LEU A 60 4.97 15.61 12.26
C LEU A 60 4.71 16.94 12.98
N GLU A 61 4.76 16.87 14.30
CA GLU A 61 4.40 18.04 15.12
C GLU A 61 5.25 19.26 14.86
N ASP A 62 6.51 19.11 14.47
CA ASP A 62 7.38 20.26 14.18
C ASP A 62 7.29 20.76 12.73
N GLY A 63 6.37 20.15 11.97
CA GLY A 63 6.13 20.59 10.59
C GLY A 63 6.87 19.75 9.55
N THR A 64 7.81 18.91 10.00
CA THR A 64 8.58 18.05 9.10
C THR A 64 7.55 17.16 8.35
N CYS A 65 7.73 17.02 7.03
CA CYS A 65 6.83 16.21 6.19
C CYS A 65 7.61 15.08 5.57
N LEU A 66 7.13 13.84 5.75
CA LEU A 66 7.79 12.64 5.19
C LEU A 66 6.81 12.15 4.10
N TRP A 67 7.37 11.77 2.96
CA TRP A 67 6.54 11.25 1.92
C TRP A 67 7.15 9.90 1.42
N GLU A 68 6.46 9.29 0.46
CA GLU A 68 6.54 7.90 0.05
C GLU A 68 5.90 7.00 1.12
N SER A 69 4.78 6.41 0.74
CA SER A 69 4.03 5.56 1.65
C SER A 69 4.91 4.49 2.26
N ASN A 70 5.78 3.87 1.47
CA ASN A 70 6.58 2.79 2.06
C ASN A 70 7.67 3.31 3.03
N ALA A 71 8.12 4.57 2.82
CA ALA A 71 9.12 5.15 3.79
C ALA A 71 8.37 5.55 5.06
N ILE A 72 7.17 6.03 4.87
CA ILE A 72 6.32 6.34 6.07
C ILE A 72 6.04 5.07 6.89
N LEU A 73 5.76 3.93 6.26
CA LEU A 73 5.59 2.70 6.99
C LEU A 73 6.86 2.38 7.79
N ASN A 74 8.05 2.55 7.16
CA ASN A 74 9.28 2.28 7.96
C ASN A 74 9.42 3.20 9.18
N PHE A 75 9.14 4.49 9.02
CA PHE A 75 9.25 5.44 10.15
C PHE A 75 8.28 5.00 11.28
N LEU A 76 7.02 4.70 10.92
CA LEU A 76 6.01 4.36 11.98
C LEU A 76 6.32 3.05 12.67
N ALA A 77 6.85 2.10 11.93
CA ALA A 77 7.00 0.69 12.40
C ALA A 77 8.32 0.46 13.16
N ASP A 78 9.27 1.40 13.01
CA ASP A 78 10.64 1.03 13.43
C ASP A 78 10.57 0.82 14.97
N GLY A 79 11.19 -0.27 15.40
CA GLY A 79 11.12 -0.66 16.85
C GLY A 79 9.89 -1.43 17.23
N SER A 80 8.98 -1.76 16.29
CA SER A 80 7.78 -2.53 16.58
C SER A 80 7.91 -3.94 16.03
N GLN A 81 6.90 -4.78 16.32
CA GLN A 81 6.90 -6.12 15.80
C GLN A 81 6.62 -6.09 14.27
N PHE A 82 6.32 -4.92 13.72
CA PHE A 82 6.05 -4.90 12.20
C PHE A 82 7.27 -4.66 11.34
N LEU A 83 8.42 -4.46 11.98
CA LEU A 83 9.68 -4.22 11.19
C LEU A 83 10.80 -4.96 11.98
N PRO A 84 11.31 -6.07 11.42
CA PRO A 84 12.38 -6.83 12.06
C PRO A 84 13.63 -5.97 12.18
N SER A 85 14.40 -6.17 13.25
CA SER A 85 15.67 -5.45 13.39
C SER A 85 16.86 -6.28 12.82
N GLU A 86 16.70 -7.61 12.71
CA GLU A 86 17.79 -8.48 12.17
CA GLU A 86 17.74 -8.52 12.19
C GLU A 86 18.02 -8.07 10.72
N PRO A 87 19.30 -7.78 10.36
CA PRO A 87 19.57 -7.30 9.00
C PRO A 87 19.01 -8.15 7.86
N ARG A 88 19.12 -9.49 7.91
CA ARG A 88 18.54 -10.27 6.82
C ARG A 88 17.03 -10.12 6.72
N LEU A 89 16.34 -10.08 7.89
CA LEU A 89 14.88 -10.00 7.82
C LEU A 89 14.45 -8.57 7.46
N ARG A 90 15.11 -7.54 8.00
CA ARG A 90 14.80 -6.14 7.62
CA ARG A 90 14.82 -6.16 7.63
C ARG A 90 15.01 -6.00 6.11
N THR A 91 16.05 -6.64 5.58
CA THR A 91 16.31 -6.52 4.11
C THR A 91 15.20 -7.21 3.31
N GLN A 92 14.71 -8.35 3.83
CA GLN A 92 13.63 -9.00 3.10
C GLN A 92 12.34 -8.21 3.11
N VAL A 93 12.04 -7.58 4.25
CA VAL A 93 10.87 -6.66 4.28
C VAL A 93 11.05 -5.55 3.20
N LEU A 94 12.25 -4.96 3.12
CA LEU A 94 12.47 -3.85 2.12
C LEU A 94 12.41 -4.44 0.74
N GLN A 95 12.85 -5.69 0.55
CA GLN A 95 12.78 -6.30 -0.79
C GLN A 95 11.32 -6.31 -1.24
N TRP A 96 10.41 -6.84 -0.41
CA TRP A 96 9.03 -6.89 -0.82
C TRP A 96 8.45 -5.46 -1.05
N GLN A 97 8.87 -4.49 -0.25
CA GLN A 97 8.40 -3.12 -0.48
C GLN A 97 8.92 -2.50 -1.82
N PHE A 98 10.20 -2.65 -2.18
CA PHE A 98 10.64 -2.12 -3.47
C PHE A 98 9.95 -2.90 -4.57
N PHE A 99 9.84 -4.24 -4.41
CA PHE A 99 9.09 -5.04 -5.38
C PHE A 99 7.67 -4.51 -5.54
N GLU A 100 7.07 -4.10 -4.42
CA GLU A 100 5.67 -3.57 -4.54
C GLU A 100 5.60 -2.25 -5.37
N GLN A 101 6.60 -1.37 -5.18
CA GLN A 101 6.60 -0.09 -5.89
C GLN A 101 7.00 -0.29 -7.41
N TYR A 102 7.79 -1.34 -7.73
CA TYR A 102 8.37 -1.44 -9.09
C TYR A 102 7.55 -2.42 -9.97
N SER A 103 7.14 -3.53 -9.35
CA SER A 103 6.59 -4.68 -10.07
C SER A 103 5.11 -4.91 -9.88
N HIS A 104 4.45 -4.25 -8.94
CA HIS A 104 3.09 -4.58 -8.51
C HIS A 104 2.18 -3.32 -8.60
N GLU A 105 2.49 -2.32 -7.79
CA GLU A 105 1.65 -1.10 -7.77
C GLU A 105 1.33 -0.52 -9.20
N PRO A 106 2.34 -0.36 -10.12
CA PRO A 106 1.99 0.28 -11.39
C PRO A 106 1.05 -0.55 -12.24
N TYR A 107 0.84 -1.82 -11.90
CA TYR A 107 -0.09 -2.67 -12.71
C TYR A 107 -1.41 -2.82 -11.95
N ILE A 108 -1.36 -3.18 -10.65
CA ILE A 108 -2.57 -3.41 -9.87
C ILE A 108 -3.25 -2.09 -9.65
N ALA A 109 -2.54 -1.08 -9.20
CA ALA A 109 -3.19 0.19 -8.87
C ALA A 109 -3.71 0.89 -10.14
N VAL A 110 -2.92 0.88 -11.22
CA VAL A 110 -3.33 1.59 -12.42
C VAL A 110 -4.51 0.86 -13.12
N ALA A 111 -4.49 -0.48 -13.11
CA ALA A 111 -5.67 -1.21 -13.71
C ALA A 111 -6.93 -0.82 -12.93
N ARG A 112 -6.81 -0.80 -11.60
CA ARG A 112 -7.98 -0.41 -10.76
C ARG A 112 -8.37 1.03 -11.09
N PHE A 113 -7.41 1.93 -11.28
CA PHE A 113 -7.79 3.33 -11.65
C PHE A 113 -8.56 3.35 -12.96
N ILE A 114 -8.03 2.66 -13.97
CA ILE A 114 -8.69 2.59 -15.27
C ILE A 114 -10.10 2.04 -15.18
N GLN A 115 -10.27 0.92 -14.48
CA GLN A 115 -11.57 0.26 -14.41
C GLN A 115 -12.50 0.99 -13.41
N LEU A 116 -12.07 1.15 -12.17
CA LEU A 116 -13.00 1.69 -11.17
C LEU A 116 -13.21 3.22 -11.36
N TYR A 117 -12.13 3.96 -11.67
CA TYR A 117 -12.22 5.45 -11.72
C TYR A 117 -12.67 5.94 -13.07
N GLU A 118 -12.25 5.23 -14.12
CA GLU A 118 -12.59 5.70 -15.48
C GLU A 118 -13.56 4.82 -16.21
N GLY A 119 -14.03 3.75 -15.59
CA GLY A 119 -14.98 2.87 -16.25
C GLY A 119 -14.52 2.08 -17.46
N LEU A 120 -13.22 1.90 -17.53
CA LEU A 120 -12.55 1.10 -18.53
C LEU A 120 -12.75 1.62 -19.90
N PRO A 121 -12.30 2.80 -20.16
CA PRO A 121 -12.59 3.34 -21.49
C PRO A 121 -11.96 2.52 -22.56
N GLU A 122 -12.63 2.45 -23.70
CA GLU A 122 -12.02 1.76 -24.86
C GLU A 122 -10.62 2.21 -25.19
N GLU A 123 -10.34 3.50 -25.08
CA GLU A 123 -9.05 4.08 -25.45
C GLU A 123 -7.91 3.51 -24.57
N ARG A 124 -8.27 2.96 -23.40
CA ARG A 124 -7.23 2.45 -22.45
C ARG A 124 -7.28 0.92 -22.38
N ARG A 125 -8.11 0.29 -23.22
CA ARG A 125 -8.26 -1.16 -23.09
C ARG A 125 -6.93 -1.93 -23.40
N GLU A 126 -6.23 -1.57 -24.46
CA GLU A 126 -4.99 -2.29 -24.79
C GLU A 126 -3.98 -2.15 -23.60
N GLU A 127 -3.82 -0.94 -23.11
CA GLU A 127 -2.98 -0.60 -21.91
C GLU A 127 -3.36 -1.48 -20.75
N TYR A 128 -4.65 -1.52 -20.48
CA TYR A 128 -5.25 -2.30 -19.39
C TYR A 128 -4.93 -3.78 -19.49
N LEU A 129 -5.04 -4.33 -20.70
CA LEU A 129 -4.70 -5.74 -20.85
C LEU A 129 -3.20 -6.01 -20.58
N LYS A 130 -2.33 -5.10 -20.97
CA LYS A 130 -0.87 -5.22 -20.68
C LYS A 130 -0.64 -5.15 -19.15
N LEU A 131 -1.34 -4.22 -18.49
CA LEU A 131 -1.26 -4.13 -16.99
C LEU A 131 -1.74 -5.44 -16.40
N HIS A 132 -2.77 -6.04 -16.93
CA HIS A 132 -3.15 -7.33 -16.45
C HIS A 132 -2.04 -8.36 -16.54
N LYS A 133 -1.37 -8.42 -17.67
CA LYS A 133 -0.31 -9.45 -17.82
C LYS A 133 0.81 -9.22 -16.79
N ARG A 134 1.20 -7.97 -16.59
CA ARG A 134 2.33 -7.71 -15.70
C ARG A 134 1.86 -7.84 -14.26
N GLY A 135 0.60 -7.45 -13.98
CA GLY A 135 0.13 -7.56 -12.55
C GLY A 135 0.02 -9.00 -12.15
N TYR A 136 -0.46 -9.84 -13.05
CA TYR A 136 -0.56 -11.26 -12.74
C TYR A 136 0.84 -11.86 -12.49
N LYS A 137 1.82 -11.44 -13.22
CA LYS A 137 3.19 -11.90 -12.99
C LYS A 137 3.60 -11.60 -11.54
N ALA A 138 3.28 -10.38 -11.06
CA ALA A 138 3.61 -10.03 -9.65
C ALA A 138 2.79 -10.89 -8.66
N LEU A 139 1.48 -11.08 -8.94
CA LEU A 139 0.68 -11.93 -8.03
C LEU A 139 1.21 -13.38 -8.02
N ASP A 140 1.78 -13.82 -9.17
CA ASP A 140 2.36 -15.13 -9.19
C ASP A 140 3.56 -15.25 -8.28
N VAL A 141 4.42 -14.21 -8.25
CA VAL A 141 5.52 -14.21 -7.26
C VAL A 141 5.06 -14.32 -5.79
N MSE A 142 4.02 -13.52 -5.46
CA MSE A 142 3.49 -13.52 -4.11
C MSE A 142 2.89 -14.93 -3.80
O MSE A 142 3.03 -15.38 -2.67
CB MSE A 142 2.36 -12.43 -4.00
CG MSE A 142 3.00 -11.05 -4.00
SE MSE A 142 1.45 -9.77 -4.09
CE MSE A 142 0.64 -10.28 -2.27
N GLU A 143 2.14 -15.48 -4.76
CA GLU A 143 1.49 -16.84 -4.59
C GLU A 143 2.54 -17.87 -4.28
N LYS A 144 3.66 -17.88 -5.02
CA LYS A 144 4.69 -18.85 -4.63
C LYS A 144 5.22 -18.65 -3.23
N GLN A 145 5.49 -17.40 -2.81
CA GLN A 145 5.99 -17.22 -1.52
C GLN A 145 4.98 -17.62 -0.42
N LEU A 146 3.71 -17.25 -0.62
CA LEU A 146 2.71 -17.42 0.44
C LEU A 146 2.24 -18.91 0.41
N SER A 147 2.72 -19.66 -0.59
CA SER A 147 2.40 -21.12 -0.65
C SER A 147 3.32 -21.87 0.31
N ARG A 148 4.35 -21.17 0.82
CA ARG A 148 5.42 -21.67 1.67
C ARG A 148 5.50 -21.05 3.05
N THR A 149 5.17 -19.76 3.19
CA THR A 149 5.22 -19.09 4.51
C THR A 149 3.88 -18.32 4.64
N PRO A 150 3.49 -18.02 5.84
CA PRO A 150 2.15 -17.46 5.97
C PRO A 150 2.14 -15.91 5.78
N TYR A 151 3.29 -15.30 5.94
CA TYR A 151 3.42 -13.84 5.61
C TYR A 151 4.58 -13.75 4.65
N LEU A 152 4.79 -12.57 4.07
CA LEU A 152 5.84 -12.52 3.02
C LEU A 152 7.20 -12.76 3.58
N VAL A 153 7.43 -12.34 4.85
CA VAL A 153 8.71 -12.54 5.48
C VAL A 153 8.48 -13.46 6.68
N GLY A 154 8.62 -14.78 6.42
CA GLY A 154 8.46 -15.76 7.49
C GLY A 154 7.12 -15.77 8.19
N GLU A 155 7.18 -15.89 9.52
CA GLU A 155 5.99 -16.11 10.33
C GLU A 155 5.47 -14.87 10.93
N HIS A 156 6.00 -13.68 10.59
CA HIS A 156 5.58 -12.49 11.34
C HIS A 156 5.03 -11.46 10.30
N TYR A 157 3.81 -11.00 10.60
CA TYR A 157 3.18 -9.89 9.85
C TYR A 157 4.06 -8.69 9.96
N SER A 158 4.33 -8.04 8.78
CA SER A 158 5.29 -6.90 8.78
C SER A 158 4.77 -5.84 7.80
N ILE A 159 5.54 -4.75 7.68
CA ILE A 159 5.12 -3.69 6.74
C ILE A 159 5.30 -4.13 5.31
N ALA A 160 5.97 -5.27 5.04
CA ALA A 160 5.89 -5.79 3.63
C ALA A 160 4.49 -6.26 3.33
N ASP A 161 3.85 -6.98 4.26
CA ASP A 161 2.45 -7.43 4.02
C ASP A 161 1.54 -6.22 3.90
N ILE A 162 1.68 -5.25 4.82
CA ILE A 162 0.84 -4.05 4.79
C ILE A 162 1.01 -3.36 3.39
N ALA A 163 2.26 -3.20 2.96
CA ALA A 163 2.50 -2.54 1.64
C ALA A 163 1.76 -3.27 0.50
N LEU A 164 1.86 -4.62 0.47
CA LEU A 164 1.23 -5.40 -0.63
C LEU A 164 -0.29 -5.64 -0.42
N TYR A 165 -0.78 -5.61 0.83
CA TYR A 165 -2.20 -5.85 1.05
C TYR A 165 -3.01 -4.69 0.51
N ALA A 166 -2.44 -3.47 0.60
CA ALA A 166 -3.26 -2.29 0.34
C ALA A 166 -3.92 -2.34 -1.05
N TYR A 167 -3.18 -2.61 -2.13
CA TYR A 167 -3.85 -2.73 -3.37
C TYR A 167 -4.24 -4.20 -3.66
N THR A 168 -3.49 -5.15 -3.16
CA THR A 168 -3.90 -6.52 -3.57
C THR A 168 -5.36 -6.81 -3.11
N HIS A 169 -5.73 -6.38 -1.92
CA HIS A 169 -7.07 -6.67 -1.41
C HIS A 169 -8.21 -6.09 -2.28
N VAL A 170 -7.91 -5.06 -3.12
CA VAL A 170 -8.90 -4.47 -4.04
C VAL A 170 -8.52 -4.76 -5.51
N ALA A 171 -7.71 -5.83 -5.73
CA ALA A 171 -7.24 -6.11 -7.09
C ALA A 171 -8.42 -6.50 -7.98
N ASP A 172 -9.49 -7.00 -7.35
CA ASP A 172 -10.69 -7.28 -8.13
C ASP A 172 -11.30 -6.04 -8.75
N GLU A 173 -11.09 -4.87 -8.13
CA GLU A 173 -11.63 -3.60 -8.72
C GLU A 173 -10.88 -3.16 -9.98
N GLY A 174 -9.73 -3.78 -10.22
CA GLY A 174 -8.96 -3.57 -11.48
C GLY A 174 -9.04 -4.84 -12.39
N GLY A 175 -9.99 -5.75 -12.06
CA GLY A 175 -10.26 -6.90 -12.93
C GLY A 175 -9.39 -8.12 -12.76
N PHE A 176 -8.51 -8.12 -11.76
CA PHE A 176 -7.81 -9.35 -11.38
C PHE A 176 -8.66 -10.36 -10.63
N ASP A 177 -8.52 -11.63 -11.03
CA ASP A 177 -9.34 -12.65 -10.43
C ASP A 177 -8.54 -13.37 -9.37
N LEU A 178 -8.79 -13.01 -8.11
CA LEU A 178 -7.95 -13.55 -7.05
C LEU A 178 -8.34 -14.97 -6.74
N SER A 179 -9.45 -15.49 -7.34
CA SER A 179 -9.76 -16.92 -7.07
C SER A 179 -8.69 -17.84 -7.67
N ARG A 180 -7.87 -17.32 -8.61
CA ARG A 180 -6.70 -18.03 -9.13
C ARG A 180 -5.53 -18.12 -8.11
N TYR A 181 -5.66 -17.40 -6.98
CA TYR A 181 -4.58 -17.25 -6.00
C TYR A 181 -5.04 -17.60 -4.59
N PRO A 182 -5.21 -18.90 -4.32
CA PRO A 182 -5.65 -19.21 -2.96
C PRO A 182 -4.66 -18.96 -1.87
N GLY A 183 -3.36 -18.95 -2.21
CA GLY A 183 -2.42 -18.63 -1.15
C GLY A 183 -2.55 -17.12 -0.81
N ILE A 184 -2.69 -16.29 -1.85
CA ILE A 184 -2.98 -14.81 -1.58
C ILE A 184 -4.27 -14.63 -0.76
N GLN A 185 -5.32 -15.35 -1.15
CA GLN A 185 -6.59 -15.20 -0.41
C GLN A 185 -6.41 -15.60 1.04
N ALA A 186 -5.67 -16.68 1.35
CA ALA A 186 -5.54 -17.11 2.75
C ALA A 186 -4.67 -16.11 3.52
N TRP A 187 -3.68 -15.52 2.83
CA TRP A 187 -2.89 -14.45 3.46
C TRP A 187 -3.74 -13.18 3.74
N MSE A 188 -4.62 -12.80 2.78
CA MSE A 188 -5.48 -11.63 3.00
C MSE A 188 -6.31 -11.95 4.28
O MSE A 188 -6.55 -11.08 5.09
CB MSE A 188 -6.45 -11.45 1.87
CG MSE A 188 -5.72 -10.79 0.74
SE MSE A 188 -6.69 -10.69 -0.96
CE MSE A 188 -8.55 -10.05 -0.43
N GLN A 189 -6.89 -13.16 4.32
CA GLN A 189 -7.55 -13.57 5.60
C GLN A 189 -6.78 -13.42 6.90
N ARG A 190 -5.49 -13.79 6.92
CA ARG A 190 -4.62 -13.62 8.06
C ARG A 190 -4.39 -12.14 8.41
N VAL A 191 -4.14 -11.32 7.39
CA VAL A 191 -3.98 -9.89 7.62
C VAL A 191 -5.20 -9.32 8.27
N GLN A 192 -6.32 -9.61 7.66
CA GLN A 192 -7.63 -9.09 8.10
C GLN A 192 -8.05 -9.61 9.49
N SER A 193 -7.42 -10.67 9.97
CA SER A 193 -7.72 -11.22 11.26
C SER A 193 -6.97 -10.55 12.39
N HIS A 194 -6.06 -9.64 12.10
CA HIS A 194 -5.35 -9.04 13.16
C HIS A 194 -6.38 -8.25 14.00
N PRO A 195 -6.29 -8.34 15.35
CA PRO A 195 -7.38 -7.76 16.13
C PRO A 195 -7.52 -6.23 15.96
N ARG A 196 -6.49 -5.54 15.47
CA ARG A 196 -6.55 -4.08 15.32
C ARG A 196 -6.67 -3.71 13.84
N HIS A 197 -6.96 -4.72 13.01
CA HIS A 197 -7.09 -4.45 11.54
C HIS A 197 -8.20 -3.37 11.34
N VAL A 198 -8.02 -2.47 10.36
CA VAL A 198 -9.16 -1.56 9.91
C VAL A 198 -9.24 -1.67 8.42
N PRO A 199 -10.46 -1.59 7.85
CA PRO A 199 -10.69 -1.60 6.43
C PRO A 199 -10.34 -0.26 5.80
N MSE A 200 -10.24 -0.30 4.45
CA MSE A 200 -9.88 0.90 3.72
C MSE A 200 -10.92 1.99 3.93
O MSE A 200 -10.58 3.13 4.29
CB MSE A 200 -9.89 0.57 2.21
CG MSE A 200 -9.61 1.79 1.44
SE MSE A 200 -9.51 1.16 -0.55
CE MSE A 200 -7.54 1.31 -0.80
N LEU A 201 -12.19 1.62 3.73
CA LEU A 201 -13.25 2.59 3.97
C LEU A 201 -14.10 2.18 5.20
N ASP A 202 -14.46 3.16 6.05
CA ASP A 202 -15.21 2.80 7.30
C ASP A 202 -16.71 2.43 7.09
N1 GSH B . 5.54 6.06 -4.70
CA1 GSH B . 4.44 6.86 -4.03
C1 GSH B . 4.04 6.26 -2.68
O11 GSH B . 3.68 7.06 -1.77
O12 GSH B . 4.02 5.01 -2.56
CB1 GSH B . 3.25 6.85 -5.04
CG1 GSH B . 2.14 7.63 -4.39
CD1 GSH B . 1.05 7.98 -5.42
OE1 GSH B . 1.16 7.56 -6.76
N2 GSH B . -0.04 8.71 -5.06
CA2 GSH B . -1.07 9.03 -6.05
C2 GSH B . -1.01 10.48 -6.26
O2 GSH B . -0.79 11.25 -5.21
CB2 GSH B . -2.43 8.61 -5.42
SG2 GSH B . -2.49 6.75 -5.14
N3 GSH B . -1.16 10.98 -7.47
CA3 GSH B . -1.18 12.46 -7.61
C3 GSH B . -0.44 12.95 -8.83
O31 GSH B . -0.68 14.12 -9.30
O32 GSH B . 0.44 12.24 -9.34
NA NA C . 6.49 4.28 -1.37
C1 EDO D . -9.88 8.95 12.51
O1 EDO D . -9.31 10.27 12.26
C2 EDO D . -9.12 8.25 13.66
O2 EDO D . -8.06 9.17 14.01
#